data_5FN6
#
_entry.id   5FN6
#
_cell.length_a   132.384
_cell.length_b   132.384
_cell.length_c   58.099
_cell.angle_alpha   90.00
_cell.angle_beta   90.00
_cell.angle_gamma   120.00
#
_symmetry.space_group_name_H-M   'H 3'
#
loop_
_entity.id
_entity.type
_entity.pdbx_description
1 polymer 'RECEPTOR-TYPE TYROSINE-PROTEIN PHOSPHATASE C'
2 non-polymer 2-acetamido-2-deoxy-beta-D-glucopyranose
#
_entity_poly.entity_id   1
_entity_poly.type   'polypeptide(L)'
_entity_poly.pdbx_seq_one_letter_code
;ETGKPTCDEKYANITVDYLYNKETKLFTAKLNVNENVECGNNTCTNNEVHNLTECKNASVSISHNSCTAPDKTLILDVPP
GVEKFQLHDCTQVEKADTTICLKWKNIETFTCDTQNITYRFQCGNMIFDNKEIKLENLEPEHEYKCDSEILYNNHKFTNA
SKIIKTDFGSPGEPQIIFCRSEAAHQGVITWNPPQRSFHNFTLCYIKETEKDCLNLDKNLIKYDLQNLKPYTKYVLSLHA
YIIAKVQRNGSAAMCHFTTKGTKHHHHHH
;
_entity_poly.pdbx_strand_id   A
#
loop_
_chem_comp.id
_chem_comp.type
_chem_comp.name
_chem_comp.formula
NAG D-saccharide, beta linking 2-acetamido-2-deoxy-beta-D-glucopyranose 'C8 H15 N O6'
#
# COMPACT_ATOMS: atom_id res chain seq x y z
N THR A 6 33.94 3.72 -39.44
CA THR A 6 34.68 3.09 -38.35
C THR A 6 33.63 2.51 -37.40
N CYS A 7 33.97 1.46 -36.63
CA CYS A 7 33.02 0.89 -35.68
C CYS A 7 32.70 1.87 -34.57
N ASP A 8 33.69 2.71 -34.22
CA ASP A 8 33.53 3.79 -33.25
C ASP A 8 32.49 4.79 -33.79
N GLU A 9 32.45 4.97 -35.13
CA GLU A 9 31.51 5.85 -35.81
C GLU A 9 30.12 5.18 -35.85
N LYS A 10 30.03 3.93 -36.37
CA LYS A 10 28.77 3.18 -36.50
C LYS A 10 28.06 2.95 -35.16
N TYR A 11 28.82 2.69 -34.06
CA TYR A 11 28.25 2.41 -32.74
C TYR A 11 28.49 3.47 -31.65
N ALA A 12 28.82 4.71 -32.02
CA ALA A 12 29.06 5.80 -31.05
C ALA A 12 27.89 6.07 -30.09
N ASN A 13 26.63 5.90 -30.56
CA ASN A 13 25.45 6.14 -29.72
C ASN A 13 24.63 4.87 -29.32
N ILE A 14 25.24 3.68 -29.44
CA ILE A 14 24.64 2.37 -29.06
C ILE A 14 23.99 2.41 -27.65
N THR A 15 22.81 1.78 -27.49
CA THR A 15 22.13 1.71 -26.19
C THR A 15 22.15 0.29 -25.61
N VAL A 16 21.93 0.17 -24.29
CA VAL A 16 21.99 -1.08 -23.53
C VAL A 16 20.77 -1.27 -22.62
N ASP A 17 20.31 -2.52 -22.44
CA ASP A 17 19.27 -2.87 -21.47
C ASP A 17 19.86 -3.81 -20.42
N TYR A 18 19.59 -3.55 -19.13
CA TYR A 18 20.13 -4.34 -18.01
C TYR A 18 19.15 -5.37 -17.48
N LEU A 19 19.57 -6.65 -17.46
CA LEU A 19 18.74 -7.77 -16.98
C LEU A 19 19.44 -8.44 -15.80
N TYR A 20 18.83 -8.38 -14.60
CA TYR A 20 19.39 -8.95 -13.37
C TYR A 20 19.12 -10.42 -13.20
N ASN A 21 20.13 -11.17 -12.72
CA ASN A 21 19.99 -12.57 -12.36
C ASN A 21 20.04 -12.60 -10.83
N LYS A 22 18.90 -12.92 -10.20
CA LYS A 22 18.74 -12.96 -8.73
C LYS A 22 19.64 -14.03 -8.06
N GLU A 23 19.89 -15.16 -8.77
CA GLU A 23 20.72 -16.28 -8.30
C GLU A 23 22.18 -15.92 -8.25
N THR A 24 22.70 -15.27 -9.31
CA THR A 24 24.12 -14.91 -9.38
C THR A 24 24.41 -13.54 -8.77
N LYS A 25 23.39 -12.67 -8.63
CA LYS A 25 23.51 -11.30 -8.15
C LYS A 25 24.30 -10.46 -9.19
N LEU A 26 24.28 -10.91 -10.47
CA LEU A 26 24.97 -10.26 -11.59
C LEU A 26 24.00 -9.81 -12.67
N PHE A 27 24.40 -8.77 -13.41
CA PHE A 27 23.61 -8.20 -14.51
C PHE A 27 24.11 -8.68 -15.84
N THR A 28 23.19 -8.71 -16.81
CA THR A 28 23.46 -8.97 -18.22
C THR A 28 23.13 -7.67 -18.94
N ALA A 29 24.03 -7.19 -19.80
CA ALA A 29 23.81 -5.99 -20.59
C ALA A 29 23.44 -6.45 -21.99
N LYS A 30 22.22 -6.13 -22.43
CA LYS A 30 21.78 -6.46 -23.79
C LYS A 30 22.05 -5.25 -24.70
N LEU A 31 22.89 -5.44 -25.74
CA LEU A 31 23.25 -4.41 -26.70
C LEU A 31 22.11 -4.25 -27.70
N ASN A 32 21.58 -3.01 -27.81
CA ASN A 32 20.47 -2.72 -28.72
C ASN A 32 20.97 -2.44 -30.14
N VAL A 33 21.29 -3.54 -30.84
CA VAL A 33 21.76 -3.58 -32.22
C VAL A 33 21.11 -4.76 -32.93
N ASN A 34 20.89 -4.64 -34.25
CA ASN A 34 20.29 -5.69 -35.06
C ASN A 34 21.30 -6.83 -35.32
N GLU A 35 22.43 -6.49 -36.00
CA GLU A 35 23.51 -7.40 -36.36
C GLU A 35 24.22 -8.08 -35.17
N ASN A 36 24.75 -9.30 -35.41
CA ASN A 36 25.49 -10.04 -34.39
C ASN A 36 26.91 -9.49 -34.32
N VAL A 37 27.10 -8.61 -33.33
CA VAL A 37 28.31 -7.87 -33.04
C VAL A 37 29.41 -8.72 -32.36
N GLU A 38 30.67 -8.32 -32.51
CA GLU A 38 31.81 -9.02 -31.91
C GLU A 38 32.41 -8.16 -30.82
N CYS A 39 32.76 -8.78 -29.69
CA CYS A 39 33.40 -8.07 -28.58
C CYS A 39 34.76 -8.64 -28.29
N GLY A 40 35.75 -7.75 -28.23
CA GLY A 40 37.14 -8.10 -27.99
C GLY A 40 37.71 -9.15 -28.94
N CYS A 44 30.40 -11.47 -26.13
CA CYS A 44 29.05 -10.95 -26.13
C CYS A 44 28.13 -11.80 -27.01
N THR A 45 27.99 -13.09 -26.61
CA THR A 45 27.14 -14.06 -27.29
C THR A 45 25.68 -13.60 -27.27
N ASN A 46 25.06 -13.57 -28.48
CA ASN A 46 23.67 -13.15 -28.73
C ASN A 46 23.45 -11.67 -28.33
N ASN A 47 24.51 -10.82 -28.50
CA ASN A 47 24.55 -9.38 -28.20
C ASN A 47 24.31 -9.08 -26.71
N GLU A 48 24.78 -9.97 -25.84
CA GLU A 48 24.63 -9.83 -24.39
C GLU A 48 25.98 -9.92 -23.70
N VAL A 49 26.27 -8.98 -22.78
CA VAL A 49 27.48 -8.99 -21.97
C VAL A 49 27.02 -9.50 -20.58
N HIS A 50 27.46 -10.69 -20.18
CA HIS A 50 27.06 -11.35 -18.93
C HIS A 50 27.99 -11.08 -17.76
N ASN A 51 27.51 -11.42 -16.55
CA ASN A 51 28.26 -11.38 -15.29
C ASN A 51 28.87 -10.03 -14.92
N LEU A 52 28.05 -8.98 -14.97
CA LEU A 52 28.49 -7.64 -14.62
C LEU A 52 28.12 -7.35 -13.17
N THR A 53 29.10 -6.90 -12.36
CA THR A 53 28.89 -6.52 -10.97
C THR A 53 28.14 -5.19 -10.95
N GLU A 54 27.18 -5.08 -10.02
CA GLU A 54 26.39 -3.89 -9.79
C GLU A 54 27.27 -2.71 -9.43
N CYS A 55 26.89 -1.50 -9.87
CA CYS A 55 27.56 -0.25 -9.52
C CYS A 55 29.04 -0.14 -9.86
N LYS A 56 29.45 -0.82 -10.92
CA LYS A 56 30.83 -0.81 -11.41
C LYS A 56 30.80 -0.51 -12.89
N ASN A 57 31.70 0.38 -13.36
CA ASN A 57 31.80 0.66 -14.79
C ASN A 57 32.65 -0.44 -15.43
N ALA A 58 32.15 -1.02 -16.52
CA ALA A 58 32.79 -2.10 -17.28
C ALA A 58 32.95 -1.64 -18.70
N SER A 59 34.01 -2.09 -19.38
CA SER A 59 34.25 -1.65 -20.73
C SER A 59 34.16 -2.80 -21.72
N VAL A 60 33.55 -2.54 -22.86
CA VAL A 60 33.41 -3.52 -23.94
C VAL A 60 33.82 -2.90 -25.29
N SER A 61 34.72 -3.58 -26.04
CA SER A 61 35.18 -3.07 -27.35
C SER A 61 34.38 -3.76 -28.44
N ILE A 62 33.54 -3.00 -29.15
CA ILE A 62 32.59 -3.50 -30.16
C ILE A 62 33.06 -3.26 -31.60
N SER A 63 32.95 -4.30 -32.43
CA SER A 63 33.26 -4.27 -33.86
C SER A 63 32.31 -5.22 -34.63
N HIS A 64 32.31 -5.10 -35.97
CA HIS A 64 31.51 -5.89 -36.92
C HIS A 64 32.19 -5.81 -38.29
N ASN A 65 31.97 -6.82 -39.17
CA ASN A 65 32.57 -6.86 -40.51
C ASN A 65 32.18 -5.68 -41.40
N SER A 66 31.00 -5.08 -41.13
CA SER A 66 30.45 -3.93 -41.84
C SER A 66 31.11 -2.58 -41.48
N CYS A 67 32.06 -2.60 -40.53
CA CYS A 67 32.76 -1.38 -40.12
C CYS A 67 34.24 -1.64 -39.89
N THR A 68 35.05 -0.59 -39.98
CA THR A 68 36.50 -0.70 -39.84
C THR A 68 36.97 -0.26 -38.46
N ALA A 69 38.26 -0.49 -38.16
CA ALA A 69 38.90 -0.03 -36.92
C ALA A 69 38.92 1.52 -36.90
N PRO A 70 38.92 2.22 -35.75
CA PRO A 70 38.93 1.72 -34.36
C PRO A 70 37.61 1.12 -33.92
N ASP A 71 37.70 0.17 -32.98
CA ASP A 71 36.55 -0.48 -32.33
C ASP A 71 35.81 0.55 -31.51
N LYS A 72 34.51 0.32 -31.27
CA LYS A 72 33.74 1.18 -30.41
C LYS A 72 33.97 0.73 -28.97
N THR A 73 34.58 1.57 -28.13
CA THR A 73 34.78 1.27 -26.72
C THR A 73 33.54 1.78 -25.99
N LEU A 74 32.74 0.83 -25.48
CA LEU A 74 31.49 1.10 -24.78
C LEU A 74 31.64 0.91 -23.28
N ILE A 75 31.31 1.97 -22.52
CA ILE A 75 31.34 1.95 -21.06
C ILE A 75 29.95 1.58 -20.54
N LEU A 76 29.88 0.48 -19.80
CA LEU A 76 28.64 -0.01 -19.21
C LEU A 76 28.56 0.50 -17.79
N ASP A 77 27.63 1.43 -17.52
CA ASP A 77 27.42 1.98 -16.19
C ASP A 77 26.34 1.12 -15.54
N VAL A 78 26.78 0.06 -14.84
CA VAL A 78 25.91 -0.97 -14.27
C VAL A 78 25.09 -0.47 -13.06
N PRO A 79 23.74 -0.72 -13.05
CA PRO A 79 22.89 -0.24 -11.95
C PRO A 79 23.06 -0.98 -10.61
N PRO A 80 22.39 -0.54 -9.52
CA PRO A 80 22.52 -1.26 -8.24
C PRO A 80 21.80 -2.60 -8.18
N GLY A 81 22.15 -3.38 -7.17
CA GLY A 81 21.56 -4.69 -6.92
C GLY A 81 20.06 -4.68 -6.71
N VAL A 82 19.35 -5.45 -7.56
CA VAL A 82 17.89 -5.58 -7.52
C VAL A 82 17.42 -5.99 -6.11
N GLU A 83 18.13 -6.91 -5.44
CA GLU A 83 17.84 -7.37 -4.08
C GLU A 83 18.08 -6.29 -2.97
N LYS A 84 18.66 -5.15 -3.34
CA LYS A 84 18.96 -4.07 -2.39
C LYS A 84 17.78 -3.11 -2.17
N PHE A 85 16.68 -3.34 -2.93
CA PHE A 85 15.46 -2.54 -2.89
C PHE A 85 14.28 -3.41 -2.53
N GLN A 86 13.44 -2.92 -1.65
CA GLN A 86 12.25 -3.64 -1.22
C GLN A 86 11.06 -2.73 -1.28
N LEU A 87 10.01 -3.20 -1.96
CA LEU A 87 8.77 -2.45 -2.02
C LEU A 87 8.00 -2.77 -0.73
N HIS A 88 7.89 -1.76 0.14
CA HIS A 88 7.32 -1.82 1.49
C HIS A 88 5.97 -1.16 1.54
N ASP A 89 5.03 -1.75 2.30
CA ASP A 89 3.70 -1.21 2.51
C ASP A 89 3.78 -0.39 3.82
N CYS A 90 3.79 0.95 3.71
CA CYS A 90 3.92 1.86 4.85
C CYS A 90 2.60 2.31 5.44
N THR A 91 1.50 1.66 5.03
CA THR A 91 0.17 2.06 5.50
C THR A 91 0.05 2.08 7.01
N GLN A 92 -0.40 3.24 7.55
CA GLN A 92 -0.66 3.48 8.98
C GLN A 92 -1.88 2.65 9.34
N VAL A 93 -1.73 1.77 10.35
CA VAL A 93 -2.77 0.82 10.80
C VAL A 93 -4.15 1.42 11.07
N GLU A 94 -4.18 2.66 11.59
CA GLU A 94 -5.41 3.38 11.93
C GLU A 94 -6.19 3.84 10.69
N LYS A 95 -5.50 3.93 9.55
CA LYS A 95 -6.09 4.38 8.29
C LYS A 95 -6.00 3.32 7.17
N ALA A 96 -5.72 2.04 7.52
CA ALA A 96 -5.51 0.90 6.60
C ALA A 96 -6.69 0.54 5.69
N ASP A 97 -7.90 0.83 6.16
CA ASP A 97 -9.12 0.54 5.48
C ASP A 97 -9.43 1.51 4.34
N THR A 98 -8.79 2.69 4.31
CA THR A 98 -9.08 3.72 3.29
C THR A 98 -7.84 4.30 2.62
N THR A 99 -6.66 3.82 2.98
CA THR A 99 -5.42 4.35 2.44
C THR A 99 -4.44 3.26 2.07
N ILE A 100 -3.51 3.59 1.17
CA ILE A 100 -2.40 2.76 0.76
C ILE A 100 -1.19 3.70 0.77
N CYS A 101 -0.13 3.26 1.39
CA CYS A 101 1.16 3.94 1.39
C CYS A 101 2.15 2.88 0.93
N LEU A 102 2.87 3.15 -0.17
CA LEU A 102 3.89 2.26 -0.71
C LEU A 102 5.15 3.03 -0.82
N LYS A 103 6.25 2.39 -0.47
CA LYS A 103 7.56 3.04 -0.42
C LYS A 103 8.62 2.04 -0.76
N TRP A 104 9.57 2.43 -1.61
CA TRP A 104 10.70 1.55 -1.86
C TRP A 104 11.71 1.79 -0.75
N LYS A 105 12.20 0.70 -0.15
CA LYS A 105 13.20 0.78 0.90
C LYS A 105 14.55 0.33 0.37
N ASN A 106 15.60 1.06 0.77
CA ASN A 106 16.99 0.76 0.44
C ASN A 106 17.47 -0.15 1.59
N ILE A 107 17.37 -1.50 1.42
CA ILE A 107 17.71 -2.49 2.47
C ILE A 107 19.20 -2.77 2.69
N GLU A 108 20.06 -2.41 1.72
CA GLU A 108 21.50 -2.56 1.80
C GLU A 108 22.14 -1.41 1.03
N THR A 109 23.30 -0.95 1.48
CA THR A 109 24.03 0.13 0.83
C THR A 109 24.57 -0.27 -0.55
N PHE A 110 24.68 0.70 -1.46
CA PHE A 110 25.26 0.54 -2.78
C PHE A 110 26.05 1.79 -3.10
N THR A 111 27.03 1.68 -3.99
CA THR A 111 27.91 2.80 -4.36
C THR A 111 27.38 3.73 -5.44
N CYS A 112 26.39 3.29 -6.25
CA CYS A 112 25.78 4.11 -7.30
C CYS A 112 25.28 5.41 -6.68
N ASP A 113 25.34 6.52 -7.43
CA ASP A 113 24.81 7.80 -6.96
C ASP A 113 23.28 7.73 -7.02
N THR A 114 22.62 8.09 -5.92
CA THR A 114 21.15 8.05 -5.82
C THR A 114 20.43 9.08 -6.69
N GLN A 115 21.14 10.17 -7.08
CA GLN A 115 20.57 11.23 -7.93
C GLN A 115 20.16 10.71 -9.31
N ASN A 116 20.71 9.54 -9.70
CA ASN A 116 20.39 8.92 -10.99
C ASN A 116 19.36 7.79 -10.85
N ILE A 117 18.84 7.60 -9.62
CA ILE A 117 17.83 6.60 -9.31
C ILE A 117 16.43 7.22 -9.25
N THR A 118 15.52 6.74 -10.11
CA THR A 118 14.12 7.21 -10.17
C THR A 118 13.10 6.06 -9.97
N TYR A 119 12.05 6.33 -9.19
CA TYR A 119 11.02 5.34 -8.85
C TYR A 119 9.71 5.74 -9.51
N ARG A 120 9.03 4.79 -10.17
CA ARG A 120 7.74 5.06 -10.82
C ARG A 120 6.68 4.07 -10.34
N PHE A 121 5.43 4.52 -10.18
CA PHE A 121 4.32 3.68 -9.74
C PHE A 121 3.12 3.89 -10.62
N GLN A 122 2.31 2.84 -10.76
CA GLN A 122 1.04 2.87 -11.52
C GLN A 122 0.01 2.10 -10.68
N CYS A 123 -0.95 2.84 -10.12
CA CYS A 123 -1.93 2.17 -9.30
C CYS A 123 -3.18 1.69 -10.00
N GLY A 124 -4.13 2.56 -10.30
CA GLY A 124 -5.23 2.19 -11.17
C GLY A 124 -4.63 2.51 -12.52
N ASN A 125 -4.91 3.74 -12.99
CA ASN A 125 -4.33 4.33 -14.20
C ASN A 125 -3.47 5.56 -13.84
N MET A 126 -3.33 5.85 -12.52
CA MET A 126 -2.56 7.00 -12.00
C MET A 126 -1.09 6.64 -11.99
N ILE A 127 -0.25 7.51 -12.57
CA ILE A 127 1.18 7.33 -12.63
C ILE A 127 1.88 8.33 -11.71
N PHE A 128 2.74 7.81 -10.84
CA PHE A 128 3.49 8.59 -9.87
C PHE A 128 4.99 8.47 -10.12
N ASP A 129 5.73 9.53 -9.80
CA ASP A 129 7.20 9.55 -9.89
C ASP A 129 7.73 10.05 -8.55
N ASN A 130 8.09 9.12 -7.66
CA ASN A 130 8.61 9.34 -6.31
C ASN A 130 8.93 8.02 -5.65
N LYS A 131 9.87 8.01 -4.67
CA LYS A 131 10.30 6.86 -3.87
C LYS A 131 9.12 6.30 -3.08
N GLU A 132 8.20 7.19 -2.63
CA GLU A 132 7.00 6.82 -1.90
C GLU A 132 5.74 7.49 -2.40
N ILE A 133 4.61 6.76 -2.34
CA ILE A 133 3.29 7.23 -2.77
C ILE A 133 2.20 6.95 -1.74
N LYS A 134 1.12 7.74 -1.71
CA LYS A 134 0.02 7.59 -0.75
C LYS A 134 -1.31 7.78 -1.44
N LEU A 135 -2.23 6.84 -1.30
CA LEU A 135 -3.60 6.89 -1.85
C LEU A 135 -4.56 7.01 -0.70
N GLU A 136 -5.58 7.86 -0.82
CA GLU A 136 -6.55 8.13 0.24
C GLU A 136 -7.96 7.99 -0.29
N ASN A 137 -8.96 7.88 0.62
CA ASN A 137 -10.40 7.77 0.32
C ASN A 137 -10.77 6.48 -0.40
N LEU A 138 -9.97 5.44 -0.22
CA LEU A 138 -10.24 4.15 -0.82
C LEU A 138 -11.41 3.51 -0.12
N GLU A 139 -12.20 2.72 -0.83
CA GLU A 139 -13.35 2.08 -0.20
C GLU A 139 -12.83 0.86 0.54
N PRO A 140 -13.22 0.57 1.82
CA PRO A 140 -12.71 -0.65 2.50
C PRO A 140 -13.13 -1.97 1.85
N GLU A 141 -12.36 -3.05 2.12
CA GLU A 141 -12.57 -4.44 1.69
C GLU A 141 -12.38 -4.72 0.19
N HIS A 142 -11.41 -4.04 -0.44
CA HIS A 142 -11.07 -4.18 -1.85
C HIS A 142 -9.61 -4.45 -1.99
N GLU A 143 -9.22 -4.96 -3.18
CA GLU A 143 -7.84 -5.23 -3.50
C GLU A 143 -7.35 -4.54 -4.75
N TYR A 144 -6.20 -3.86 -4.64
CA TYR A 144 -5.61 -3.08 -5.73
C TYR A 144 -4.23 -3.48 -6.10
N LYS A 145 -3.97 -3.53 -7.43
CA LYS A 145 -2.69 -3.92 -7.98
C LYS A 145 -1.88 -2.69 -8.35
N CYS A 146 -0.87 -2.40 -7.56
CA CYS A 146 0.03 -1.29 -7.81
C CYS A 146 1.33 -1.82 -8.42
N ASP A 147 1.61 -1.41 -9.66
CA ASP A 147 2.82 -1.79 -10.40
C ASP A 147 3.90 -0.69 -10.22
N SER A 148 5.16 -1.08 -10.06
CA SER A 148 6.25 -0.12 -9.84
C SER A 148 7.53 -0.57 -10.52
N GLU A 149 8.39 0.40 -10.88
CA GLU A 149 9.70 0.12 -11.48
C GLU A 149 10.74 1.10 -10.99
N ILE A 150 12.02 0.69 -11.03
CA ILE A 150 13.14 1.53 -10.65
C ILE A 150 14.04 1.71 -11.86
N LEU A 151 14.38 2.97 -12.13
CA LEU A 151 15.25 3.36 -13.22
C LEU A 151 16.57 3.87 -12.65
N TYR A 152 17.66 3.62 -13.40
CA TYR A 152 19.03 4.09 -13.15
C TYR A 152 19.45 4.73 -14.46
N ASN A 153 19.73 6.05 -14.46
CA ASN A 153 20.03 6.82 -15.69
C ASN A 153 18.90 6.62 -16.73
N ASN A 154 17.62 6.61 -16.28
CA ASN A 154 16.39 6.38 -17.08
C ASN A 154 16.28 4.95 -17.66
N HIS A 155 17.14 4.03 -17.18
CA HIS A 155 17.17 2.60 -17.57
C HIS A 155 16.42 1.82 -16.53
N LYS A 156 15.37 1.06 -16.92
CA LYS A 156 14.67 0.21 -15.97
C LYS A 156 15.55 -0.99 -15.67
N PHE A 157 15.86 -1.23 -14.39
CA PHE A 157 16.67 -2.38 -13.99
C PHE A 157 15.92 -3.35 -13.08
N THR A 158 14.81 -2.87 -12.48
CA THR A 158 13.96 -3.65 -11.58
C THR A 158 12.55 -3.15 -11.56
N ASN A 159 11.66 -4.02 -11.13
CA ASN A 159 10.24 -3.74 -11.03
C ASN A 159 9.58 -4.74 -10.08
N ALA A 160 8.39 -4.40 -9.62
CA ALA A 160 7.60 -5.25 -8.71
C ALA A 160 6.15 -4.82 -8.80
N SER A 161 5.28 -5.73 -8.34
CA SER A 161 3.87 -5.51 -8.24
C SER A 161 3.45 -5.77 -6.84
N LYS A 162 2.58 -4.91 -6.33
CA LYS A 162 2.09 -5.10 -5.01
C LYS A 162 0.59 -5.04 -5.01
N ILE A 163 -0.01 -6.17 -4.59
CA ILE A 163 -1.45 -6.31 -4.43
C ILE A 163 -1.74 -5.99 -2.96
N ILE A 164 -2.57 -4.96 -2.70
CA ILE A 164 -2.92 -4.52 -1.34
C ILE A 164 -4.41 -4.58 -1.14
N LYS A 165 -4.84 -5.02 0.07
CA LYS A 165 -6.24 -5.09 0.55
C LYS A 165 -6.56 -3.93 1.55
N THR A 166 -7.70 -3.23 1.38
CA THR A 166 -8.11 -2.11 2.24
C THR A 166 -8.91 -2.57 3.45
N ASP A 167 -8.23 -3.13 4.46
CA ASP A 167 -8.75 -3.59 5.77
C ASP A 167 -10.26 -3.35 6.13
N PHE A 168 -10.86 -4.22 6.95
CA PHE A 168 -12.25 -4.05 7.40
C PHE A 168 -12.55 -2.59 7.91
N GLY A 169 -13.44 -1.87 7.23
CA GLY A 169 -13.82 -0.50 7.59
C GLY A 169 -14.76 -0.40 8.79
N SER A 170 -15.06 0.85 9.21
CA SER A 170 -15.97 1.14 10.33
C SER A 170 -17.38 0.65 10.00
N PRO A 171 -18.08 -0.03 10.93
CA PRO A 171 -19.44 -0.53 10.63
C PRO A 171 -20.58 0.50 10.87
N GLY A 172 -21.82 0.03 10.86
CA GLY A 172 -23.02 0.79 11.19
C GLY A 172 -23.33 2.11 10.51
N GLU A 173 -24.08 3.03 11.18
CA GLU A 173 -24.62 2.95 12.56
C GLU A 173 -25.86 2.06 12.64
N PRO A 174 -26.31 1.59 13.84
CA PRO A 174 -27.55 0.81 13.88
C PRO A 174 -28.78 1.71 13.80
N GLN A 175 -29.94 1.12 13.46
CA GLN A 175 -31.21 1.81 13.34
C GLN A 175 -32.02 1.54 14.62
N ILE A 176 -32.27 2.56 15.46
CA ILE A 176 -33.03 2.36 16.70
C ILE A 176 -34.53 2.32 16.41
N ILE A 177 -35.18 1.17 16.68
CA ILE A 177 -36.63 1.03 16.50
C ILE A 177 -37.27 2.00 17.51
N PHE A 178 -36.94 1.84 18.81
CA PHE A 178 -37.41 2.70 19.88
C PHE A 178 -36.59 2.64 21.18
N CYS A 179 -36.85 3.62 22.07
CA CYS A 179 -36.41 3.70 23.46
C CYS A 179 -37.36 4.49 24.34
N ARG A 180 -37.99 3.77 25.28
CA ARG A 180 -39.04 4.29 26.15
C ARG A 180 -38.94 3.76 27.57
N SER A 181 -39.43 4.54 28.53
CA SER A 181 -39.48 4.14 29.92
C SER A 181 -40.72 3.28 30.08
N GLU A 182 -40.63 2.20 30.85
CA GLU A 182 -41.77 1.32 31.09
C GLU A 182 -42.06 1.08 32.57
N ALA A 183 -41.21 1.66 33.44
CA ALA A 183 -41.29 1.66 34.91
C ALA A 183 -40.68 2.96 35.44
N ALA A 184 -40.74 3.19 36.76
CA ALA A 184 -40.19 4.39 37.38
C ALA A 184 -38.65 4.40 37.38
N HIS A 185 -38.04 3.19 37.33
CA HIS A 185 -36.58 3.02 37.31
C HIS A 185 -36.11 2.25 36.08
N GLN A 186 -36.93 2.22 35.02
CA GLN A 186 -36.58 1.48 33.82
C GLN A 186 -36.79 2.16 32.47
N GLY A 187 -36.02 1.70 31.50
CA GLY A 187 -36.07 2.16 30.12
C GLY A 187 -35.58 1.08 29.19
N VAL A 188 -36.24 0.93 28.04
CA VAL A 188 -35.86 -0.08 27.07
C VAL A 188 -35.43 0.51 25.75
N ILE A 189 -34.35 -0.03 25.18
CA ILE A 189 -33.86 0.35 23.87
C ILE A 189 -33.92 -0.89 22.96
N THR A 190 -34.57 -0.73 21.80
CA THR A 190 -34.67 -1.79 20.80
C THR A 190 -34.24 -1.25 19.46
N TRP A 191 -33.43 -2.04 18.72
CA TRP A 191 -32.84 -1.64 17.44
C TRP A 191 -32.74 -2.78 16.41
N ASN A 192 -32.25 -2.42 15.21
CA ASN A 192 -31.95 -3.31 14.10
C ASN A 192 -30.43 -3.25 13.92
N PRO A 193 -29.75 -4.38 13.65
CA PRO A 193 -28.29 -4.36 13.51
C PRO A 193 -27.75 -3.53 12.34
N PRO A 194 -26.50 -3.03 12.42
CA PRO A 194 -25.93 -2.29 11.28
C PRO A 194 -25.60 -3.17 10.07
N GLN A 195 -25.38 -2.56 8.88
CA GLN A 195 -25.13 -3.25 7.61
C GLN A 195 -23.79 -3.95 7.37
N ARG A 196 -22.67 -3.41 7.94
CA ARG A 196 -21.34 -4.01 7.74
C ARG A 196 -21.00 -5.07 8.80
N SER A 197 -19.77 -5.63 8.72
CA SER A 197 -19.26 -6.63 9.66
C SER A 197 -18.74 -5.94 10.92
N PHE A 198 -19.08 -6.48 12.09
CA PHE A 198 -18.67 -5.95 13.40
C PHE A 198 -18.53 -7.09 14.45
N HIS A 199 -18.02 -6.74 15.63
CA HIS A 199 -17.82 -7.73 16.70
C HIS A 199 -18.76 -7.60 17.89
N ASN A 200 -19.13 -6.35 18.26
CA ASN A 200 -20.00 -6.05 19.40
C ASN A 200 -20.56 -4.63 19.38
N PHE A 201 -21.54 -4.38 20.28
CA PHE A 201 -22.19 -3.08 20.47
C PHE A 201 -21.72 -2.41 21.74
N THR A 202 -21.78 -1.08 21.77
CA THR A 202 -21.41 -0.29 22.94
C THR A 202 -22.58 0.64 23.29
N LEU A 203 -23.29 0.30 24.39
CA LEU A 203 -24.42 1.10 24.84
C LEU A 203 -23.98 2.06 25.96
N CYS A 204 -24.44 3.33 25.89
CA CYS A 204 -24.16 4.38 26.87
C CYS A 204 -25.45 5.04 27.30
N TYR A 205 -25.60 5.32 28.61
CA TYR A 205 -26.75 6.04 29.16
C TYR A 205 -26.23 7.31 29.82
N ILE A 206 -26.67 8.47 29.30
CA ILE A 206 -26.20 9.79 29.71
C ILE A 206 -27.23 10.64 30.49
N LYS A 207 -26.92 10.91 31.78
CA LYS A 207 -27.72 11.71 32.68
C LYS A 207 -26.89 12.96 33.03
N GLU A 208 -26.93 13.96 32.12
CA GLU A 208 -26.21 15.25 32.18
C GLU A 208 -24.70 15.03 32.07
N THR A 209 -23.92 15.43 33.09
CA THR A 209 -22.47 15.26 33.16
C THR A 209 -22.05 13.79 33.35
N GLU A 210 -23.00 12.94 33.81
CA GLU A 210 -22.83 11.50 34.05
C GLU A 210 -22.99 10.70 32.76
N LYS A 211 -22.21 9.62 32.61
CA LYS A 211 -22.22 8.72 31.45
C LYS A 211 -21.62 7.37 31.84
N ASP A 212 -22.35 6.28 31.56
CA ASP A 212 -21.88 4.92 31.80
C ASP A 212 -22.09 4.14 30.53
N CYS A 213 -21.04 3.43 30.09
CA CYS A 213 -21.11 2.60 28.90
C CYS A 213 -21.06 1.10 29.17
N LEU A 214 -21.47 0.31 28.19
CA LEU A 214 -21.58 -1.14 28.27
C LEU A 214 -20.97 -1.83 27.06
N ASN A 215 -21.19 -3.15 26.95
CA ASN A 215 -20.73 -3.99 25.86
C ASN A 215 -21.80 -5.06 25.62
N LEU A 216 -22.47 -4.97 24.47
CA LEU A 216 -23.54 -5.89 24.10
C LEU A 216 -23.15 -6.81 22.95
N ASP A 217 -23.56 -8.09 23.07
CA ASP A 217 -23.37 -9.14 22.09
C ASP A 217 -24.00 -8.76 20.74
N LYS A 218 -23.27 -9.03 19.63
CA LYS A 218 -23.68 -8.73 18.25
C LYS A 218 -25.08 -9.24 17.88
N ASN A 219 -25.56 -10.30 18.57
CA ASN A 219 -26.86 -10.91 18.33
C ASN A 219 -28.06 -10.29 19.02
N LEU A 220 -27.86 -9.47 20.05
CA LEU A 220 -29.04 -8.89 20.67
C LEU A 220 -29.58 -7.67 19.95
N ILE A 221 -30.90 -7.46 20.06
CA ILE A 221 -31.64 -6.40 19.38
C ILE A 221 -32.52 -5.62 20.36
N LYS A 222 -32.35 -5.87 21.67
CA LYS A 222 -33.11 -5.22 22.74
C LYS A 222 -32.29 -5.21 24.04
N TYR A 223 -32.45 -4.14 24.85
CA TYR A 223 -31.79 -4.03 26.16
C TYR A 223 -32.62 -3.34 27.23
N ASP A 224 -32.60 -3.88 28.45
CA ASP A 224 -33.38 -3.38 29.60
C ASP A 224 -32.48 -2.62 30.54
N LEU A 225 -32.90 -1.42 30.94
CA LEU A 225 -32.11 -0.59 31.86
C LEU A 225 -32.78 -0.37 33.20
N GLN A 226 -32.29 -1.08 34.23
CA GLN A 226 -32.82 -0.97 35.59
C GLN A 226 -32.00 -0.04 36.45
N ASN A 227 -32.53 0.25 37.66
CA ASN A 227 -31.97 1.15 38.69
C ASN A 227 -31.68 2.53 38.08
N LEU A 228 -32.74 3.23 37.68
CA LEU A 228 -32.64 4.56 37.09
C LEU A 228 -33.39 5.59 37.95
N LYS A 229 -32.94 6.86 37.88
CA LYS A 229 -33.56 7.96 38.63
C LYS A 229 -34.96 8.24 38.06
N PRO A 230 -36.03 8.26 38.91
CA PRO A 230 -37.38 8.50 38.39
C PRO A 230 -37.57 9.90 37.81
N TYR A 231 -38.44 10.03 36.77
CA TYR A 231 -38.73 11.30 36.07
C TYR A 231 -37.44 12.09 35.80
N THR A 232 -36.56 11.48 34.98
CA THR A 232 -35.26 11.99 34.60
C THR A 232 -35.04 11.74 33.11
N LYS A 233 -34.55 12.76 32.38
CA LYS A 233 -34.30 12.66 30.94
C LYS A 233 -32.97 11.96 30.65
N TYR A 234 -33.05 10.80 29.99
CA TYR A 234 -31.92 9.97 29.63
C TYR A 234 -31.64 10.01 28.16
N VAL A 235 -30.36 9.89 27.80
CA VAL A 235 -29.89 9.87 26.41
C VAL A 235 -29.08 8.59 26.21
N LEU A 236 -29.51 7.73 25.26
CA LEU A 236 -28.79 6.51 24.97
C LEU A 236 -27.96 6.66 23.70
N SER A 237 -26.71 6.21 23.77
CA SER A 237 -25.83 6.19 22.63
C SER A 237 -25.63 4.70 22.30
N LEU A 238 -25.68 4.34 21.02
CA LEU A 238 -25.45 2.96 20.61
C LEU A 238 -24.72 2.91 19.27
N HIS A 239 -23.57 2.24 19.27
CA HIS A 239 -22.72 2.06 18.09
C HIS A 239 -22.13 0.66 18.11
N ALA A 240 -21.75 0.15 16.95
CA ALA A 240 -21.13 -1.16 16.80
C ALA A 240 -19.65 -0.98 16.48
N TYR A 241 -18.78 -1.82 17.06
CA TYR A 241 -17.35 -1.74 16.79
C TYR A 241 -16.80 -3.03 16.21
N ILE A 242 -15.71 -2.94 15.43
CA ILE A 242 -14.99 -4.06 14.82
C ILE A 242 -13.53 -3.99 15.21
N ILE A 243 -12.94 -5.12 15.60
CA ILE A 243 -11.52 -5.12 15.92
C ILE A 243 -10.67 -5.57 14.73
N ALA A 244 -10.32 -4.57 13.89
CA ALA A 244 -9.51 -4.71 12.69
C ALA A 244 -8.02 -4.60 13.09
N LYS A 245 -7.14 -4.00 12.23
CA LYS A 245 -5.72 -3.80 12.55
C LYS A 245 -5.61 -2.78 13.71
N VAL A 246 -6.77 -2.20 14.08
CA VAL A 246 -7.05 -1.22 15.13
C VAL A 246 -8.56 -1.34 15.43
N GLN A 247 -9.04 -0.92 16.61
CA GLN A 247 -10.49 -0.99 16.87
C GLN A 247 -11.19 0.12 16.10
N ARG A 248 -12.11 -0.24 15.21
CA ARG A 248 -12.87 0.73 14.40
C ARG A 248 -14.32 0.81 14.88
N ASN A 249 -14.72 2.00 15.33
CA ASN A 249 -16.07 2.27 15.83
C ASN A 249 -16.95 2.85 14.72
N GLY A 250 -18.20 2.41 14.73
CA GLY A 250 -19.20 2.94 13.82
C GLY A 250 -19.81 4.17 14.44
N SER A 251 -20.54 4.99 13.63
CA SER A 251 -21.19 6.18 14.18
C SER A 251 -22.28 5.79 15.19
N ALA A 252 -22.51 6.63 16.20
CA ALA A 252 -23.47 6.30 17.25
C ALA A 252 -24.88 6.77 16.95
N ALA A 253 -25.85 5.93 17.31
CA ALA A 253 -27.26 6.20 17.13
C ALA A 253 -27.78 6.73 18.46
N MET A 254 -28.21 8.00 18.46
CA MET A 254 -28.73 8.66 19.66
C MET A 254 -30.20 8.30 19.90
N CYS A 255 -30.61 8.39 21.17
CA CYS A 255 -31.90 7.95 21.67
C CYS A 255 -32.27 8.78 22.87
N HIS A 256 -33.53 9.22 22.97
CA HIS A 256 -33.92 9.90 24.21
C HIS A 256 -35.25 9.44 24.77
N PHE A 257 -35.32 9.36 26.09
CA PHE A 257 -36.52 8.97 26.82
C PHE A 257 -36.48 9.54 28.23
N THR A 258 -37.65 9.64 28.87
CA THR A 258 -37.76 10.13 30.24
C THR A 258 -38.60 9.21 31.14
N THR A 259 -37.99 8.81 32.28
CA THR A 259 -38.54 7.90 33.28
C THR A 259 -39.91 8.32 33.86
N LYS A 260 -40.64 7.34 34.44
CA LYS A 260 -41.99 7.53 34.98
C LYS A 260 -42.02 8.15 36.38
C1 NAG B . -17.85 -8.91 22.84
C2 NAG B . -16.37 -9.29 22.85
C3 NAG B . -16.21 -10.49 23.77
C4 NAG B . -16.73 -10.17 25.18
C5 NAG B . -18.18 -9.67 25.12
C6 NAG B . -18.71 -9.13 26.42
C7 NAG B . -14.78 -9.24 20.96
C8 NAG B . -14.48 -9.75 19.59
N2 NAG B . -15.95 -9.62 21.50
O3 NAG B . -14.84 -10.88 23.85
O4 NAG B . -16.65 -11.35 25.96
O5 NAG B . -18.30 -8.61 24.16
O6 NAG B . -18.27 -7.80 26.67
O7 NAG B . -13.99 -8.52 21.57
C1 NAG C . 8.82 -5.94 -15.37
C2 NAG C . 7.88 -7.05 -14.88
C3 NAG C . 7.54 -7.99 -16.06
C4 NAG C . 7.00 -7.22 -17.25
C5 NAG C . 8.00 -6.13 -17.67
C6 NAG C . 7.47 -5.21 -18.75
C7 NAG C . 7.78 -8.48 -12.85
C8 NAG C . 8.59 -9.18 -11.81
N2 NAG C . 8.48 -7.82 -13.79
O3 NAG C . 6.59 -8.96 -15.65
O4 NAG C . 6.79 -8.11 -18.34
O5 NAG C . 8.31 -5.29 -16.55
O6 NAG C . 6.48 -4.31 -18.25
O7 NAG C . 6.55 -8.50 -12.83
C1 NAG D . 29.77 -16.08 -16.26
C2 NAG D . 29.65 -17.05 -15.09
C3 NAG D . 29.54 -18.46 -15.68
C4 NAG D . 28.42 -18.54 -16.71
C5 NAG D . 28.62 -17.49 -17.81
C6 NAG D . 27.49 -17.43 -18.81
C7 NAG D . 30.88 -16.30 -13.09
C8 NAG D . 32.21 -16.29 -12.40
N2 NAG D . 30.84 -16.93 -14.27
O3 NAG D . 29.31 -19.41 -14.64
O4 NAG D . 28.40 -19.84 -17.30
O5 NAG D . 28.71 -16.19 -17.21
O6 NAG D . 27.71 -16.42 -19.77
O7 NAG D . 29.89 -15.78 -12.59
C1 NAG E . 31.01 5.60 -15.08
C2 NAG E . 30.84 6.12 -13.65
C3 NAG E . 30.26 7.54 -13.60
C4 NAG E . 30.97 8.45 -14.59
C5 NAG E . 30.87 7.84 -15.99
C6 NAG E . 31.52 8.67 -17.06
C7 NAG E . 30.01 4.91 -11.67
C8 NAG E . 29.11 3.80 -11.20
N2 NAG E . 29.95 5.19 -12.97
O3 NAG E . 30.40 8.06 -12.29
O4 NAG E . 30.40 9.75 -14.56
O5 NAG E . 31.53 6.57 -16.00
O6 NAG E . 31.52 8.02 -18.33
O7 NAG E . 30.77 5.50 -10.89
C1 NAG F . -14.05 3.19 20.21
C2 NAG F . -12.89 4.10 20.61
C3 NAG F . -12.55 4.13 22.12
C4 NAG F . -13.79 3.95 22.99
C5 NAG F . -14.64 2.79 22.46
C6 NAG F . -15.85 2.45 23.30
C7 NAG F . -11.08 4.23 18.94
C8 NAG F . -9.86 3.54 18.39
N2 NAG F . -11.77 3.56 19.87
O3 NAG F . -11.89 5.35 22.43
O4 NAG F . -13.38 3.68 24.33
O5 NAG F . -15.11 3.13 21.15
O6 NAG F . -16.55 1.37 22.69
O7 NAG F . -11.40 5.36 18.57
#